data_4DB7
#
_entry.id   4DB7
#
_cell.length_a   99.695
_cell.length_b   99.695
_cell.length_c   263.431
_cell.angle_alpha   90.000
_cell.angle_beta   90.000
_cell.angle_gamma   120.000
#
_symmetry.space_group_name_H-M   'P 62 2 2'
#
loop_
_entity.id
_entity.type
_entity.pdbx_description
1 polymer 'Dihydropteroate Synthase'
2 non-polymer '3-(7-amino-4,5-dioxo-1,4,5,6-tetrahydropyrimido[4,5-c]pyridazin-3-yl)propanoic acid'
3 non-polymer 'SULFATE ION'
4 water water
#
_entity_poly.entity_id   1
_entity_poly.type   'polypeptide(L)'
_entity_poly.pdbx_seq_one_letter_code
;MGSSHHHHHHSSGLVPRGSHMKWDYDLRCGEYTLNLNEKTLIMGILNVTPDSFSDGGSYNEVDAAVRHAKEMRDEGAHII
DIGGESTRPGFAKVSVEEEIKRVVPMIQAVSKEVKLPISIDTYKAEVAKQAIEAGAHIINDIWGAKAEPKIAEVAAHYDV
PIILMHNRDNMNYRNLMADMIADLYDSIKIAKDAGVRDENIILDPGIGFAKTPEQNLEAMRNLEQLNVLGYPVLLGTSRK
SFIGHVLDLPVEERLEGTGATVCLGIEKGCEFVRVHDVKEMSRMAKMMDAMIGKGVK
;
_entity_poly.pdbx_strand_id   A,B
#
loop_
_chem_comp.id
_chem_comp.type
_chem_comp.name
_chem_comp.formula
SO4 non-polymer 'SULFATE ION' 'O4 S -2'
Z25 non-polymer '3-(7-amino-4,5-dioxo-1,4,5,6-tetrahydropyrimido[4,5-c]pyridazin-3-yl)propanoic acid' 'C9 H9 N5 O4'
#
# COMPACT_ATOMS: atom_id res chain seq x y z
N LYS A 22 11.05 36.40 17.73
CA LYS A 22 11.66 35.25 18.47
C LYS A 22 10.63 34.62 19.38
N TRP A 23 10.50 33.30 19.29
CA TRP A 23 9.50 32.55 20.04
C TRP A 23 10.11 31.90 21.25
N ASP A 24 9.46 32.08 22.39
CA ASP A 24 10.03 31.57 23.64
C ASP A 24 9.53 30.16 23.93
N TYR A 25 8.77 29.61 23.00
CA TYR A 25 8.26 28.25 23.11
C TYR A 25 8.38 27.48 21.80
N ASP A 26 8.21 26.16 21.91
CA ASP A 26 8.16 25.23 20.79
C ASP A 26 6.73 24.79 20.51
N LEU A 27 6.44 24.56 19.23
CA LEU A 27 5.14 24.04 18.83
C LEU A 27 5.16 22.56 19.17
N ARG A 28 4.36 22.19 20.16
CA ARG A 28 4.31 20.82 20.69
C ARG A 28 3.23 19.99 19.97
N CYS A 29 3.65 18.95 19.26
CA CYS A 29 2.73 18.07 18.53
C CYS A 29 2.97 16.61 18.90
N GLY A 30 2.58 16.25 20.12
CA GLY A 30 2.73 14.86 20.59
C GLY A 30 4.18 14.44 20.47
N GLU A 31 4.44 13.40 19.69
CA GLU A 31 5.79 12.83 19.55
C GLU A 31 6.82 13.80 18.96
N TYR A 32 6.39 14.66 18.03
CA TYR A 32 7.29 15.61 17.38
C TYR A 32 7.15 17.02 17.94
N THR A 33 8.24 17.77 17.85
CA THR A 33 8.31 19.14 18.31
C THR A 33 8.92 20.02 17.24
N LEU A 34 8.21 21.10 16.88
CA LEU A 34 8.68 22.04 15.87
C LEU A 34 9.19 23.34 16.46
N ASN A 35 10.48 23.58 16.36
CA ASN A 35 11.07 24.85 16.74
C ASN A 35 10.71 25.92 15.73
N LEU A 36 10.30 27.09 16.22
CA LEU A 36 9.81 28.17 15.36
C LEU A 36 10.84 29.25 15.09
N ASN A 37 12.08 29.04 15.53
CA ASN A 37 13.11 30.06 15.36
C ASN A 37 14.23 29.70 14.38
N GLU A 38 14.54 28.40 14.26
CA GLU A 38 15.69 28.00 13.44
C GLU A 38 15.40 28.16 11.93
N LYS A 39 14.21 27.82 11.50
CA LYS A 39 13.87 27.88 10.08
C LYS A 39 12.38 28.06 9.81
N THR A 40 12.04 28.52 8.60
CA THR A 40 10.67 28.46 8.10
C THR A 40 10.22 27.01 7.91
N LEU A 41 9.12 26.63 8.56
CA LEU A 41 8.62 25.26 8.51
C LEU A 41 7.75 25.06 7.28
N ILE A 42 8.10 24.06 6.46
CA ILE A 42 7.39 23.80 5.20
C ILE A 42 6.30 22.75 5.41
N MET A 43 5.05 23.14 5.21
CA MET A 43 3.95 22.19 5.26
C MET A 43 3.58 21.76 3.84
N GLY A 44 3.73 20.45 3.57
CA GLY A 44 3.45 19.88 2.25
C GLY A 44 2.00 19.47 2.10
N ILE A 45 1.40 19.85 0.99
CA ILE A 45 0.02 19.44 0.68
C ILE A 45 -0.07 18.06 0.00
N LEU A 46 -0.69 17.12 0.73
CA LEU A 46 -0.84 15.75 0.22
C LEU A 46 -2.04 15.61 -0.72
N ASN A 47 -1.82 14.82 -1.79
CA ASN A 47 -2.88 14.38 -2.72
C ASN A 47 -4.05 13.63 -2.06
N ASP A 51 -10.45 8.37 -5.59
CA ASP A 51 -10.63 7.01 -6.09
C ASP A 51 -12.12 6.63 -6.22
N SER A 52 -12.58 6.43 -7.46
CA SER A 52 -13.94 5.97 -7.73
C SER A 52 -14.05 4.47 -7.46
N PHE A 53 -15.29 3.96 -7.35
CA PHE A 53 -15.57 2.55 -7.01
C PHE A 53 -15.35 2.23 -5.53
N SER A 54 -15.22 3.26 -4.70
CA SER A 54 -14.85 3.09 -3.29
C SER A 54 -15.28 4.27 -2.40
N ASP A 55 -15.72 3.94 -1.19
CA ASP A 55 -16.08 4.93 -0.17
C ASP A 55 -14.92 5.30 0.76
N GLY A 56 -13.80 4.59 0.61
CA GLY A 56 -12.55 4.88 1.34
C GLY A 56 -11.78 3.66 1.77
N GLY A 57 -10.44 3.77 1.81
CA GLY A 57 -9.57 2.70 2.29
C GLY A 57 -8.72 1.93 1.28
N SER A 58 -9.09 2.01 -0.01
CA SER A 58 -8.45 1.24 -1.08
C SER A 58 -6.91 1.21 -1.01
N TYR A 59 -6.35 0.15 -1.69
CA TYR A 59 -4.90 -0.04 -1.82
C TYR A 59 -4.25 1.01 -2.74
N ASN A 60 -5.01 1.47 -3.77
CA ASN A 60 -4.54 2.54 -4.69
C ASN A 60 -4.46 3.95 -4.06
N GLU A 61 -5.54 4.31 -3.34
CA GLU A 61 -5.63 5.58 -2.61
C GLU A 61 -4.52 5.74 -1.57
N VAL A 62 -4.52 4.82 -0.58
CA VAL A 62 -3.68 4.99 0.59
C VAL A 62 -2.20 4.77 0.20
N ASP A 63 -1.95 3.93 -0.79
CA ASP A 63 -0.57 3.75 -1.24
C ASP A 63 -0.07 5.00 -1.98
N ALA A 64 -0.89 5.57 -2.86
CA ALA A 64 -0.50 6.77 -3.59
C ALA A 64 -0.24 7.94 -2.62
N ALA A 65 -1.05 8.00 -1.56
CA ALA A 65 -0.90 8.97 -0.51
C ALA A 65 0.40 8.78 0.27
N VAL A 66 0.73 7.53 0.59
CA VAL A 66 1.96 7.23 1.32
C VAL A 66 3.18 7.56 0.46
N ARG A 67 3.14 7.27 -0.85
CA ARG A 67 4.28 7.53 -1.74
C ARG A 67 4.54 9.03 -1.79
N HIS A 68 3.46 9.80 -1.76
CA HIS A 68 3.56 11.24 -1.80
C HIS A 68 4.09 11.82 -0.49
N ALA A 69 3.57 11.34 0.64
CA ALA A 69 4.09 11.74 1.94
C ALA A 69 5.58 11.47 2.03
N LYS A 70 5.99 10.27 1.60
CA LYS A 70 7.38 9.84 1.61
C LYS A 70 8.27 10.75 0.80
N GLU A 71 7.83 11.05 -0.42
CA GLU A 71 8.51 11.96 -1.34
C GLU A 71 8.65 13.36 -0.70
N MET A 72 7.54 13.94 -0.24
CA MET A 72 7.59 15.26 0.35
C MET A 72 8.55 15.32 1.52
N ARG A 73 8.52 14.28 2.36
CA ARG A 73 9.46 14.15 3.48
C ARG A 73 10.90 14.19 2.98
N ASP A 74 11.17 13.50 1.89
CA ASP A 74 12.52 13.39 1.36
C ASP A 74 13.02 14.71 0.80
N GLU A 75 12.09 15.54 0.33
CA GLU A 75 12.50 16.80 -0.31
C GLU A 75 12.32 18.09 0.50
N GLY A 76 12.08 17.95 1.81
CA GLY A 76 12.20 19.07 2.73
C GLY A 76 11.04 19.45 3.64
N ALA A 77 9.91 18.77 3.47
CA ALA A 77 8.71 19.09 4.24
C ALA A 77 8.88 18.76 5.71
N HIS A 78 8.19 19.51 6.55
CA HIS A 78 8.29 19.37 7.99
C HIS A 78 6.99 18.93 8.58
N ILE A 79 5.93 19.07 7.78
CA ILE A 79 4.57 18.74 8.16
C ILE A 79 3.84 18.25 6.92
N ILE A 80 2.98 17.25 7.07
CA ILE A 80 2.15 16.78 5.97
C ILE A 80 0.68 17.17 6.21
N ASP A 81 0.06 17.82 5.23
CA ASP A 81 -1.33 18.30 5.33
C ASP A 81 -2.31 17.41 4.55
N ILE A 82 -3.20 16.76 5.30
CA ILE A 82 -4.09 15.74 4.74
C ILE A 82 -5.54 16.24 4.79
N GLY A 83 -6.16 16.38 3.63
CA GLY A 83 -7.46 17.06 3.55
C GLY A 83 -8.32 16.78 2.35
N SER A 95 -20.29 15.87 2.71
CA SER A 95 -20.49 14.46 3.01
C SER A 95 -19.68 14.01 4.25
N VAL A 96 -20.22 14.24 5.44
CA VAL A 96 -19.48 14.03 6.70
C VAL A 96 -19.09 12.56 6.97
N GLU A 97 -20.00 11.63 6.65
CA GLU A 97 -19.74 10.19 6.81
C GLU A 97 -18.57 9.77 5.91
N GLU A 98 -18.63 10.22 4.66
CA GLU A 98 -17.60 9.99 3.65
C GLU A 98 -16.23 10.53 4.04
N GLU A 99 -16.18 11.78 4.48
CA GLU A 99 -14.93 12.45 4.83
C GLU A 99 -14.13 11.60 5.80
N ILE A 100 -14.81 11.07 6.82
CA ILE A 100 -14.17 10.24 7.84
C ILE A 100 -13.63 8.94 7.25
N LYS A 101 -14.43 8.27 6.43
CA LYS A 101 -14.06 6.96 5.87
C LYS A 101 -13.01 7.06 4.75
N ARG A 102 -12.87 8.26 4.19
CA ARG A 102 -11.80 8.61 3.26
C ARG A 102 -10.51 8.95 4.00
N VAL A 103 -10.59 9.86 4.95
CA VAL A 103 -9.38 10.50 5.50
C VAL A 103 -8.69 9.74 6.64
N VAL A 104 -9.46 9.05 7.47
CA VAL A 104 -8.91 8.24 8.56
C VAL A 104 -7.88 7.17 8.09
N PRO A 105 -8.22 6.34 7.07
CA PRO A 105 -7.29 5.31 6.60
C PRO A 105 -5.97 5.88 6.10
N MET A 106 -6.03 7.08 5.53
CA MET A 106 -4.84 7.79 5.05
C MET A 106 -3.94 8.28 6.18
N ILE A 107 -4.55 8.69 7.28
CA ILE A 107 -3.81 9.19 8.42
C ILE A 107 -3.12 8.04 9.16
N GLN A 108 -3.83 6.93 9.32
CA GLN A 108 -3.31 5.71 9.93
C GLN A 108 -2.06 5.22 9.22
N ALA A 109 -2.09 5.23 7.89
CA ALA A 109 -0.98 4.76 7.09
C ALA A 109 0.22 5.69 7.11
N VAL A 110 -0.02 6.98 6.88
CA VAL A 110 1.04 7.96 6.74
C VAL A 110 1.77 8.22 8.06
N SER A 111 1.04 8.21 9.17
CA SER A 111 1.65 8.43 10.47
C SER A 111 2.44 7.22 10.92
N LYS A 112 2.03 6.04 10.43
CA LYS A 112 2.73 4.78 10.67
C LYS A 112 4.04 4.78 9.89
N GLU A 113 4.00 5.27 8.66
CA GLU A 113 5.12 5.09 7.73
C GLU A 113 5.99 6.31 7.43
N VAL A 114 5.58 7.49 7.89
CA VAL A 114 6.36 8.71 7.69
C VAL A 114 6.56 9.46 9.01
N LYS A 115 7.83 9.62 9.39
CA LYS A 115 8.16 10.20 10.70
C LYS A 115 8.11 11.73 10.71
N LEU A 116 6.88 12.28 10.75
CA LEU A 116 6.57 13.69 10.50
C LEU A 116 5.18 14.05 11.04
N PRO A 117 5.02 15.25 11.63
CA PRO A 117 3.70 15.60 12.18
C PRO A 117 2.64 15.79 11.09
N ILE A 118 1.42 15.36 11.37
CA ILE A 118 0.36 15.42 10.38
C ILE A 118 -0.71 16.39 10.81
N SER A 119 -1.18 17.21 9.87
CA SER A 119 -2.34 18.05 10.10
C SER A 119 -3.56 17.65 9.27
N ILE A 120 -4.74 17.81 9.88
CA ILE A 120 -5.99 17.44 9.28
C ILE A 120 -6.70 18.70 8.80
N ASP A 121 -6.92 18.77 7.50
CA ASP A 121 -7.51 19.94 6.87
C ASP A 121 -9.02 19.80 6.83
N THR A 122 -9.68 20.21 7.91
CA THR A 122 -11.12 20.14 8.01
C THR A 122 -11.64 21.34 8.79
N TYR A 123 -12.92 21.66 8.63
CA TYR A 123 -13.61 22.60 9.52
C TYR A 123 -14.70 21.94 10.35
N LYS A 124 -14.77 20.61 10.29
CA LYS A 124 -15.82 19.87 10.97
C LYS A 124 -15.31 19.24 12.26
N ALA A 125 -16.06 19.48 13.33
CA ALA A 125 -15.72 19.01 14.66
C ALA A 125 -15.54 17.48 14.70
N GLU A 126 -16.53 16.75 14.18
CA GLU A 126 -16.47 15.29 14.20
C GLU A 126 -15.30 14.70 13.39
N VAL A 127 -15.00 15.27 12.22
CA VAL A 127 -13.89 14.82 11.38
C VAL A 127 -12.55 15.06 12.05
N ALA A 128 -12.41 16.20 12.72
CA ALA A 128 -11.19 16.54 13.45
C ALA A 128 -10.93 15.56 14.57
N LYS A 129 -11.96 15.24 15.35
CA LYS A 129 -11.85 14.24 16.42
C LYS A 129 -11.30 12.92 15.85
N GLN A 130 -12.00 12.40 14.85
CA GLN A 130 -11.63 11.15 14.16
C GLN A 130 -10.17 11.12 13.77
N ALA A 131 -9.73 12.19 13.11
CA ALA A 131 -8.38 12.29 12.57
C ALA A 131 -7.28 12.30 13.62
N ILE A 132 -7.57 12.90 14.79
CA ILE A 132 -6.59 12.91 15.88
C ILE A 132 -6.57 11.53 16.53
N GLU A 133 -7.74 10.91 16.64
CA GLU A 133 -7.87 9.52 17.07
C GLU A 133 -7.05 8.62 16.15
N ALA A 134 -7.24 8.79 14.85
CA ALA A 134 -6.48 8.05 13.87
C ALA A 134 -5.01 8.50 13.76
N GLY A 135 -4.62 9.53 14.50
CA GLY A 135 -3.20 9.89 14.59
C GLY A 135 -2.71 11.27 14.13
N ALA A 136 -3.61 12.13 13.68
CA ALA A 136 -3.22 13.49 13.25
C ALA A 136 -2.84 14.37 14.44
N HIS A 137 -1.81 15.19 14.24
CA HIS A 137 -1.16 15.98 15.30
C HIS A 137 -1.62 17.44 15.43
N ILE A 138 -2.18 18.00 14.37
CA ILE A 138 -2.46 19.43 14.27
C ILE A 138 -3.78 19.60 13.55
N ILE A 139 -4.64 20.51 14.01
CA ILE A 139 -5.89 20.73 13.28
C ILE A 139 -5.70 21.91 12.33
N ASN A 140 -6.41 21.90 11.21
CA ASN A 140 -6.25 22.92 10.21
C ASN A 140 -7.60 23.43 9.69
N ASP A 141 -8.15 24.47 10.32
CA ASP A 141 -9.52 24.90 10.08
C ASP A 141 -9.62 26.13 9.17
N ILE A 142 -10.15 25.94 7.97
CA ILE A 142 -10.27 27.02 6.99
C ILE A 142 -11.42 28.01 7.30
N TRP A 143 -12.17 27.74 8.38
CA TRP A 143 -13.21 28.67 8.82
C TRP A 143 -12.96 29.26 10.18
N GLY A 144 -11.74 29.08 10.69
CA GLY A 144 -11.31 29.66 11.96
C GLY A 144 -12.33 29.49 13.08
N ALA A 145 -12.80 28.25 13.26
CA ALA A 145 -13.74 27.90 14.34
C ALA A 145 -15.11 28.58 14.25
N LYS A 146 -15.40 29.17 13.11
CA LYS A 146 -16.69 29.83 12.91
C LYS A 146 -17.76 28.92 12.26
N ALA A 147 -17.33 27.97 11.44
CA ALA A 147 -18.25 27.02 10.84
C ALA A 147 -18.80 26.05 11.88
N GLU A 148 -17.92 25.55 12.74
CA GLU A 148 -18.32 24.61 13.77
C GLU A 148 -17.54 24.85 15.04
N PRO A 149 -18.04 25.77 15.89
CA PRO A 149 -17.37 26.17 17.13
C PRO A 149 -16.89 25.00 17.99
N LYS A 150 -17.66 23.91 17.98
CA LYS A 150 -17.33 22.69 18.72
C LYS A 150 -15.95 22.12 18.33
N ILE A 151 -15.43 22.51 17.17
CA ILE A 151 -14.10 22.09 16.72
C ILE A 151 -13.00 22.62 17.62
N ALA A 152 -13.25 23.78 18.22
CA ALA A 152 -12.30 24.42 19.09
C ALA A 152 -12.23 23.61 20.35
N GLU A 153 -13.41 23.11 20.76
CA GLU A 153 -13.55 22.19 21.91
C GLU A 153 -12.85 20.85 21.69
N VAL A 154 -12.91 20.35 20.46
CA VAL A 154 -12.12 19.20 20.07
C VAL A 154 -10.63 19.51 20.24
N ALA A 155 -10.20 20.65 19.74
CA ALA A 155 -8.78 21.05 19.79
C ALA A 155 -8.29 21.20 21.21
N ALA A 156 -9.08 21.88 22.03
CA ALA A 156 -8.77 22.08 23.45
C ALA A 156 -8.57 20.73 24.13
N HIS A 157 -9.55 19.83 23.92
CA HIS A 157 -9.50 18.51 24.51
C HIS A 157 -8.22 17.73 24.22
N TYR A 158 -7.93 17.43 22.94
CA TYR A 158 -6.73 16.67 22.60
C TYR A 158 -5.41 17.45 22.74
N ASP A 159 -5.51 18.74 23.08
CA ASP A 159 -4.36 19.61 23.37
C ASP A 159 -3.42 19.70 22.14
N VAL A 160 -4.04 19.84 20.98
CA VAL A 160 -3.30 19.93 19.72
C VAL A 160 -3.25 21.36 19.20
N PRO A 161 -2.23 21.66 18.38
CA PRO A 161 -2.15 22.97 17.77
C PRO A 161 -3.25 23.14 16.74
N ILE A 162 -3.88 24.31 16.70
CA ILE A 162 -4.95 24.61 15.71
C ILE A 162 -4.66 25.84 14.85
N ILE A 163 -4.77 25.65 13.55
CA ILE A 163 -4.59 26.75 12.61
C ILE A 163 -5.95 27.42 12.31
N LEU A 164 -6.00 28.71 12.58
CA LEU A 164 -7.21 29.48 12.39
C LEU A 164 -7.02 30.35 11.15
N MET A 165 -7.78 30.08 10.11
CA MET A 165 -7.61 30.79 8.86
C MET A 165 -8.71 31.81 8.71
N HIS A 166 -8.36 32.96 8.15
CA HIS A 166 -9.33 33.99 7.91
C HIS A 166 -10.31 33.62 6.77
N ASN A 167 -11.60 33.74 7.06
CA ASN A 167 -12.63 33.49 6.07
C ASN A 167 -13.91 34.22 6.42
N ARG A 168 -14.77 34.42 5.44
CA ARG A 168 -16.09 35.05 5.65
C ARG A 168 -16.93 34.79 4.44
N ASP A 169 -18.24 34.97 4.56
CA ASP A 169 -19.10 34.63 3.44
C ASP A 169 -19.30 35.78 2.45
N ASN A 170 -18.53 36.86 2.59
CA ASN A 170 -18.64 38.04 1.71
C ASN A 170 -17.30 38.76 1.53
N MET A 171 -17.22 39.69 0.57
CA MET A 171 -15.98 40.45 0.31
C MET A 171 -16.18 41.95 0.59
N ASN A 172 -17.13 42.25 1.46
CA ASN A 172 -17.50 43.63 1.73
C ASN A 172 -16.70 44.20 2.90
N TYR A 173 -15.50 44.69 2.61
CA TYR A 173 -14.59 45.20 3.63
C TYR A 173 -14.69 46.70 3.80
N ARG A 174 -14.67 47.16 5.04
CA ARG A 174 -14.47 48.57 5.29
C ARG A 174 -12.99 48.86 5.03
N ASN A 175 -12.13 48.26 5.85
CA ASN A 175 -10.67 48.36 5.71
C ASN A 175 -10.09 46.94 5.78
N LEU A 176 -9.66 46.43 4.63
CA LEU A 176 -9.19 45.03 4.48
C LEU A 176 -8.39 44.50 5.67
N MET A 177 -7.21 45.05 5.91
CA MET A 177 -6.37 44.56 6.99
C MET A 177 -7.03 44.66 8.36
N ALA A 178 -7.66 45.80 8.62
CA ALA A 178 -8.28 46.05 9.91
C ALA A 178 -9.39 45.06 10.16
N ASP A 179 -10.09 44.67 9.10
CA ASP A 179 -11.17 43.70 9.17
C ASP A 179 -10.65 42.26 9.30
N MET A 180 -9.60 41.91 8.58
CA MET A 180 -9.01 40.57 8.74
C MET A 180 -8.60 40.33 10.19
N ILE A 181 -7.84 41.27 10.73
CA ILE A 181 -7.40 41.25 12.10
C ILE A 181 -8.58 41.20 13.10
N ALA A 182 -9.62 42.00 12.84
CA ALA A 182 -10.88 41.90 13.57
C ALA A 182 -11.43 40.47 13.51
N ASP A 183 -11.51 39.90 12.31
CA ASP A 183 -12.14 38.60 12.09
C ASP A 183 -11.34 37.47 12.70
N LEU A 184 -10.02 37.52 12.53
CA LEU A 184 -9.12 36.54 13.12
C LEU A 184 -9.24 36.60 14.62
N TYR A 185 -9.31 37.81 15.16
CA TYR A 185 -9.48 37.95 16.60
C TYR A 185 -10.72 37.24 17.14
N ASP A 186 -11.83 37.33 16.42
CA ASP A 186 -13.02 36.59 16.79
C ASP A 186 -12.80 35.09 16.76
N SER A 187 -11.93 34.61 15.86
CA SER A 187 -11.58 33.18 15.84
C SER A 187 -10.83 32.81 17.11
N ILE A 188 -9.92 33.68 17.53
CA ILE A 188 -9.16 33.46 18.75
C ILE A 188 -10.08 33.41 19.96
N LYS A 189 -11.04 34.33 20.03
CA LYS A 189 -11.98 34.36 21.13
C LYS A 189 -12.71 33.00 21.26
N ILE A 190 -13.13 32.43 20.14
CA ILE A 190 -13.85 31.16 20.18
C ILE A 190 -12.91 30.04 20.65
N ALA A 191 -11.68 30.07 20.16
CA ALA A 191 -10.69 29.06 20.52
C ALA A 191 -10.38 29.15 22.02
N LYS A 192 -10.15 30.38 22.50
CA LYS A 192 -9.73 30.60 23.88
C LYS A 192 -10.83 30.33 24.90
N ASP A 193 -12.05 30.72 24.55
CA ASP A 193 -13.21 30.40 25.35
C ASP A 193 -13.35 28.89 25.49
N ALA A 194 -13.03 28.16 24.42
CA ALA A 194 -13.10 26.70 24.43
C ALA A 194 -11.98 26.01 25.24
N GLY A 195 -10.99 26.78 25.68
CA GLY A 195 -9.85 26.25 26.42
C GLY A 195 -8.57 26.03 25.62
N VAL A 196 -8.56 26.50 24.37
CA VAL A 196 -7.33 26.45 23.57
C VAL A 196 -6.24 27.37 24.20
N ARG A 197 -5.06 26.78 24.45
CA ARG A 197 -3.92 27.53 24.97
C ARG A 197 -3.29 28.41 23.87
N ASP A 198 -2.79 29.57 24.27
CA ASP A 198 -2.14 30.52 23.35
C ASP A 198 -1.08 29.88 22.45
N GLU A 199 -0.37 28.88 22.99
CA GLU A 199 0.80 28.29 22.34
C GLU A 199 0.40 27.30 21.26
N ASN A 200 -0.85 26.85 21.34
CA ASN A 200 -1.42 25.95 20.36
C ASN A 200 -2.24 26.69 19.32
N ILE A 201 -2.02 28.00 19.20
CA ILE A 201 -2.76 28.78 18.21
C ILE A 201 -1.83 29.30 17.13
N ILE A 202 -2.20 29.05 15.88
CA ILE A 202 -1.47 29.55 14.73
C ILE A 202 -2.48 30.28 13.84
N LEU A 203 -2.06 31.39 13.25
CA LEU A 203 -2.97 32.17 12.42
C LEU A 203 -2.66 32.02 10.92
N ASP A 204 -3.66 32.25 10.07
CA ASP A 204 -3.52 32.19 8.60
C ASP A 204 -4.38 33.30 7.92
N PRO A 205 -3.74 34.19 7.15
CA PRO A 205 -4.49 35.28 6.52
C PRO A 205 -5.53 34.80 5.52
N GLY A 206 -5.55 33.50 5.21
CA GLY A 206 -6.54 32.98 4.29
C GLY A 206 -6.53 33.66 2.95
N ILE A 207 -5.34 33.79 2.36
CA ILE A 207 -5.18 34.27 0.98
C ILE A 207 -5.97 33.40 0.00
N GLY A 208 -6.69 34.02 -0.92
CA GLY A 208 -7.53 33.32 -1.87
C GLY A 208 -8.90 32.96 -1.30
N PHE A 209 -9.22 33.52 -0.14
CA PHE A 209 -10.55 33.34 0.48
C PHE A 209 -11.22 34.66 0.77
N ALA A 210 -12.43 34.83 0.21
CA ALA A 210 -13.29 36.00 0.45
C ALA A 210 -12.61 37.31 0.08
N LYS A 211 -11.74 37.23 -0.93
CA LYS A 211 -10.83 38.31 -1.31
C LYS A 211 -10.72 38.28 -2.81
N THR A 212 -10.82 39.47 -3.39
CA THR A 212 -10.67 39.66 -4.83
C THR A 212 -9.19 39.64 -5.20
N PRO A 213 -8.86 39.37 -6.47
CA PRO A 213 -7.44 39.40 -6.86
C PRO A 213 -6.65 40.56 -6.25
N GLU A 214 -7.20 41.78 -6.29
CA GLU A 214 -6.54 42.99 -5.76
C GLU A 214 -6.45 42.99 -4.24
N GLN A 215 -7.45 42.40 -3.58
CA GLN A 215 -7.41 42.26 -2.13
C GLN A 215 -6.40 41.21 -1.65
N ASN A 216 -6.18 40.15 -2.44
CA ASN A 216 -5.11 39.16 -2.12
C ASN A 216 -3.73 39.76 -2.13
N LEU A 217 -3.46 40.61 -3.12
CA LEU A 217 -2.19 41.32 -3.22
C LEU A 217 -1.99 42.34 -2.10
N GLU A 218 -3.10 42.87 -1.60
CA GLU A 218 -3.05 43.88 -0.54
C GLU A 218 -2.66 43.22 0.76
N ALA A 219 -3.21 42.03 1.03
CA ALA A 219 -2.88 41.29 2.22
C ALA A 219 -1.42 40.87 2.18
N MET A 220 -0.97 40.39 1.03
CA MET A 220 0.43 40.04 0.84
C MET A 220 1.32 41.24 1.13
N ARG A 221 0.97 42.39 0.58
CA ARG A 221 1.71 43.61 0.84
C ARG A 221 1.72 43.98 2.34
N ASN A 222 0.69 43.59 3.09
CA ASN A 222 0.56 44.06 4.45
C ASN A 222 0.62 42.96 5.51
N LEU A 223 1.19 41.81 5.13
CA LEU A 223 1.18 40.64 5.98
C LEU A 223 1.77 40.85 7.39
N GLU A 224 2.81 41.69 7.51
CA GLU A 224 3.47 41.95 8.81
C GLU A 224 2.50 42.43 9.89
N GLN A 225 1.40 43.05 9.47
CA GLN A 225 0.37 43.53 10.41
C GLN A 225 -0.16 42.40 11.30
N LEU A 226 -0.25 41.19 10.75
CA LEU A 226 -0.73 40.04 11.55
C LEU A 226 0.16 39.73 12.74
N ASN A 227 1.43 40.10 12.66
CA ASN A 227 2.37 39.86 13.76
C ASN A 227 1.98 40.53 15.08
N VAL A 228 1.19 41.60 14.99
CA VAL A 228 0.85 42.33 16.20
C VAL A 228 -0.02 41.50 17.15
N LEU A 229 -0.73 40.52 16.61
CA LEU A 229 -1.57 39.63 17.39
C LEU A 229 -0.80 38.64 18.33
N GLY A 230 0.50 38.46 18.08
CA GLY A 230 1.35 37.64 18.94
C GLY A 230 1.36 36.13 18.70
N TYR A 231 0.87 35.70 17.54
CA TYR A 231 0.80 34.29 17.21
C TYR A 231 1.59 33.95 15.96
N PRO A 232 2.12 32.71 15.91
CA PRO A 232 2.75 32.29 14.68
C PRO A 232 1.78 32.37 13.49
N VAL A 233 2.32 32.72 12.33
CA VAL A 233 1.50 32.82 11.12
C VAL A 233 1.87 31.80 10.06
N LEU A 234 0.86 31.13 9.52
CA LEU A 234 1.04 30.24 8.38
C LEU A 234 0.53 30.87 7.07
N LEU A 235 1.27 30.72 5.99
CA LEU A 235 0.88 31.34 4.73
C LEU A 235 0.59 30.31 3.65
N GLY A 236 -0.65 30.28 3.17
CA GLY A 236 -1.05 29.32 2.14
C GLY A 236 -1.38 30.06 0.85
N THR A 237 -0.44 30.11 -0.06
CA THR A 237 -0.67 30.81 -1.33
C THR A 237 -0.32 29.94 -2.54
N SER A 238 0.11 28.68 -2.29
CA SER A 238 0.65 27.81 -3.35
C SER A 238 -0.30 27.65 -4.51
N ARG A 239 0.17 28.04 -5.71
CA ARG A 239 -0.58 27.85 -6.99
C ARG A 239 -1.97 28.51 -7.10
N LYS A 240 -2.27 29.41 -6.16
CA LYS A 240 -3.58 30.01 -6.03
C LYS A 240 -3.96 30.87 -7.23
N SER A 241 -5.27 31.08 -7.39
CA SER A 241 -5.84 31.83 -8.51
C SER A 241 -5.23 33.22 -8.79
N PHE A 242 -4.98 34.04 -7.75
CA PHE A 242 -4.40 35.40 -7.93
C PHE A 242 -2.99 35.49 -8.56
N ILE A 243 -2.21 34.42 -8.42
CA ILE A 243 -0.95 34.31 -9.11
C ILE A 243 -1.20 34.25 -10.62
N GLY A 244 -2.23 33.47 -10.99
CA GLY A 244 -2.68 33.37 -12.38
C GLY A 244 -3.17 34.70 -12.90
N HIS A 245 -3.91 35.44 -12.08
CA HIS A 245 -4.42 36.77 -12.46
C HIS A 245 -3.30 37.72 -12.84
N VAL A 246 -2.19 37.64 -12.12
CA VAL A 246 -1.08 38.57 -12.29
C VAL A 246 -0.22 38.14 -13.46
N LEU A 247 0.16 36.87 -13.45
CA LEU A 247 1.08 36.31 -14.42
C LEU A 247 0.40 35.86 -15.73
N ASP A 248 -0.91 35.70 -15.65
CA ASP A 248 -1.74 35.12 -16.72
C ASP A 248 -1.22 33.76 -17.15
N LEU A 249 -1.23 32.85 -16.17
CA LEU A 249 -0.65 31.53 -16.30
C LEU A 249 -1.51 30.50 -15.59
N PRO A 250 -1.67 29.31 -16.20
CA PRO A 250 -2.56 28.34 -15.58
C PRO A 250 -1.86 27.61 -14.41
N VAL A 251 -2.67 26.89 -13.61
CA VAL A 251 -2.24 26.24 -12.35
C VAL A 251 -0.89 25.50 -12.38
N GLU A 252 -0.58 24.81 -13.49
CA GLU A 252 0.68 24.08 -13.58
C GLU A 252 1.87 24.97 -13.89
N GLU A 253 1.64 26.26 -14.13
CA GLU A 253 2.70 27.20 -14.51
C GLU A 253 2.95 28.31 -13.47
N ARG A 254 2.65 28.02 -12.21
CA ARG A 254 2.66 29.03 -11.16
C ARG A 254 3.75 28.83 -10.12
N LEU A 255 4.86 28.20 -10.52
CA LEU A 255 5.96 27.89 -9.58
C LEU A 255 6.78 29.15 -9.16
N GLU A 256 7.22 29.96 -10.12
CA GLU A 256 7.93 31.22 -9.85
C GLU A 256 7.03 32.21 -9.12
N GLY A 257 5.78 32.25 -9.52
CA GLY A 257 4.82 33.08 -8.82
C GLY A 257 4.64 32.67 -7.37
N THR A 258 4.55 31.36 -7.13
CA THR A 258 4.42 30.84 -5.73
C THR A 258 5.64 31.25 -4.94
N GLY A 259 6.81 31.02 -5.52
CA GLY A 259 8.07 31.35 -4.91
C GLY A 259 8.06 32.78 -4.42
N ALA A 260 7.64 33.69 -5.30
CA ALA A 260 7.60 35.10 -4.94
C ALA A 260 6.76 35.30 -3.67
N THR A 261 5.57 34.73 -3.63
CA THR A 261 4.70 34.94 -2.47
C THR A 261 5.33 34.33 -1.19
N VAL A 262 5.99 33.18 -1.33
CA VAL A 262 6.70 32.56 -0.20
C VAL A 262 7.81 33.47 0.27
N CYS A 263 8.62 33.98 -0.65
CA CYS A 263 9.75 34.84 -0.25
C CYS A 263 9.32 36.09 0.50
N LEU A 264 8.31 36.78 -0.04
CA LEU A 264 7.77 37.97 0.60
C LEU A 264 7.15 37.63 1.94
N GLY A 265 6.56 36.44 2.06
CA GLY A 265 5.91 36.01 3.31
C GLY A 265 6.94 35.77 4.39
N ILE A 266 8.01 35.09 4.04
CA ILE A 266 9.06 34.80 5.01
C ILE A 266 9.68 36.13 5.45
N GLU A 267 9.87 37.03 4.50
CA GLU A 267 10.43 38.34 4.81
C GLU A 267 9.48 39.15 5.72
N LYS A 268 8.20 38.87 5.66
CA LYS A 268 7.28 39.54 6.54
C LYS A 268 7.05 38.76 7.83
N GLY A 269 7.85 37.72 8.05
CA GLY A 269 7.84 36.99 9.32
C GLY A 269 6.92 35.80 9.44
N CYS A 270 6.69 35.06 8.35
CA CYS A 270 5.92 33.82 8.46
C CYS A 270 6.72 32.71 9.06
N GLU A 271 6.02 31.88 9.83
CA GLU A 271 6.64 30.75 10.50
C GLU A 271 6.48 29.48 9.67
N PHE A 272 5.35 29.38 8.96
CA PHE A 272 5.03 28.24 8.09
C PHE A 272 4.64 28.66 6.68
N VAL A 273 4.93 27.83 5.68
CA VAL A 273 4.33 27.99 4.35
C VAL A 273 3.73 26.67 3.85
N ARG A 274 2.52 26.73 3.30
CA ARG A 274 1.78 25.55 2.89
C ARG A 274 1.85 25.46 1.38
N VAL A 275 2.66 24.55 0.87
CA VAL A 275 3.00 24.53 -0.55
C VAL A 275 2.86 23.14 -1.16
N HIS A 276 2.70 23.10 -2.47
CA HIS A 276 2.59 21.87 -3.23
C HIS A 276 3.95 21.39 -3.68
N ASP A 277 4.80 22.36 -4.05
CA ASP A 277 6.11 22.09 -4.63
C ASP A 277 7.20 22.02 -3.56
N VAL A 278 7.14 21.03 -2.69
CA VAL A 278 8.04 20.99 -1.57
C VAL A 278 9.53 21.15 -1.92
N LYS A 279 10.06 20.41 -2.90
CA LYS A 279 11.48 20.55 -3.25
C LYS A 279 11.86 22.02 -3.50
N GLU A 280 11.16 22.67 -4.41
CA GLU A 280 11.49 24.03 -4.83
C GLU A 280 11.35 25.06 -3.70
N MET A 281 10.23 25.04 -2.99
CA MET A 281 10.00 26.00 -1.90
C MET A 281 10.92 25.87 -0.72
N SER A 282 11.34 24.63 -0.40
CA SER A 282 12.32 24.38 0.66
C SER A 282 13.62 25.11 0.44
N ARG A 283 14.10 25.06 -0.80
CA ARG A 283 15.32 25.72 -1.18
C ARG A 283 15.14 27.21 -1.11
N MET A 284 13.98 27.68 -1.55
CA MET A 284 13.72 29.09 -1.54
C MET A 284 13.57 29.58 -0.12
N ALA A 285 12.88 28.81 0.71
CA ALA A 285 12.77 29.13 2.13
C ALA A 285 14.16 29.17 2.79
N LYS A 286 14.98 28.16 2.50
CA LYS A 286 16.29 28.07 3.10
C LYS A 286 17.17 29.27 2.76
N MET A 287 17.15 29.72 1.50
CA MET A 287 18.01 30.83 1.09
C MET A 287 17.55 32.14 1.70
N MET A 288 16.23 32.33 1.78
CA MET A 288 15.62 33.45 2.50
C MET A 288 16.09 33.53 3.95
N ASP A 289 15.91 32.42 4.68
CA ASP A 289 16.30 32.29 6.09
C ASP A 289 17.75 32.73 6.31
N ALA A 290 18.64 32.28 5.43
CA ALA A 290 20.01 32.68 5.51
C ALA A 290 20.12 34.18 5.41
N MET A 291 19.41 34.77 4.44
CA MET A 291 19.53 36.21 4.18
C MET A 291 18.96 37.06 5.30
N ILE A 292 17.76 36.72 5.77
CA ILE A 292 17.16 37.50 6.86
C ILE A 292 17.90 37.25 8.18
N GLY A 293 18.49 36.07 8.34
CA GLY A 293 19.20 35.73 9.57
C GLY A 293 18.28 35.04 10.56
N LYS A 294 17.52 34.08 10.07
CA LYS A 294 16.69 33.23 10.89
C LYS A 294 17.50 31.96 11.14
N LYS B 22 18.37 -32.35 -20.11
CA LYS B 22 17.25 -33.21 -19.61
C LYS B 22 15.87 -32.74 -20.09
N TRP B 23 15.42 -31.54 -19.66
CA TRP B 23 14.18 -30.92 -20.23
C TRP B 23 14.57 -30.19 -21.52
N ASP B 24 13.82 -30.37 -22.59
CA ASP B 24 14.22 -29.71 -23.85
C ASP B 24 13.47 -28.41 -24.16
N TYR B 25 12.83 -27.86 -23.13
CA TYR B 25 12.13 -26.60 -23.23
C TYR B 25 12.19 -25.83 -21.91
N ASP B 26 11.85 -24.54 -21.97
CA ASP B 26 11.70 -23.69 -20.79
C ASP B 26 10.23 -23.47 -20.54
N LEU B 27 9.88 -23.28 -19.27
CA LEU B 27 8.54 -22.89 -18.92
C LEU B 27 8.39 -21.42 -19.28
N ARG B 28 7.54 -21.14 -20.27
CA ARG B 28 7.33 -19.79 -20.79
C ARG B 28 6.11 -19.17 -20.11
N CYS B 29 6.37 -18.14 -19.29
CA CYS B 29 5.32 -17.50 -18.49
C CYS B 29 5.21 -16.02 -18.80
N GLY B 30 4.65 -15.67 -19.97
CA GLY B 30 4.58 -14.25 -20.35
C GLY B 30 5.96 -13.61 -20.42
N GLU B 31 6.19 -12.55 -19.66
CA GLU B 31 7.49 -11.83 -19.70
C GLU B 31 8.66 -12.55 -19.00
N TYR B 32 8.36 -13.48 -18.09
CA TYR B 32 9.41 -14.23 -17.38
C TYR B 32 9.50 -15.62 -17.97
N THR B 33 10.68 -16.20 -17.84
CA THR B 33 10.92 -17.53 -18.36
C THR B 33 11.66 -18.38 -17.33
N LEU B 34 11.11 -19.57 -17.02
CA LEU B 34 11.65 -20.44 -16.00
C LEU B 34 12.36 -21.65 -16.60
N ASN B 35 13.66 -21.77 -16.31
CA ASN B 35 14.48 -22.89 -16.75
C ASN B 35 14.29 -24.11 -15.83
N LEU B 36 14.08 -25.28 -16.43
CA LEU B 36 13.79 -26.50 -15.67
C LEU B 36 14.99 -27.42 -15.36
N ASN B 37 16.16 -27.08 -15.89
CA ASN B 37 17.35 -27.92 -15.71
C ASN B 37 18.37 -27.33 -14.73
N GLU B 38 18.45 -26.01 -14.70
CA GLU B 38 19.40 -25.27 -13.88
C GLU B 38 19.18 -25.60 -12.40
N LYS B 39 17.98 -25.38 -11.88
CA LYS B 39 17.74 -25.65 -10.47
C LYS B 39 16.30 -26.00 -10.12
N THR B 40 16.11 -26.55 -8.93
CA THR B 40 14.78 -26.72 -8.35
C THR B 40 14.13 -25.36 -8.16
N LEU B 41 12.91 -25.18 -8.68
CA LEU B 41 12.25 -23.87 -8.60
C LEU B 41 11.40 -23.74 -7.34
N ILE B 42 11.57 -22.63 -6.64
CA ILE B 42 10.86 -22.45 -5.39
C ILE B 42 9.61 -21.64 -5.57
N MET B 43 8.46 -22.25 -5.27
CA MET B 43 7.21 -21.51 -5.23
C MET B 43 6.83 -21.13 -3.80
N GLY B 44 6.84 -19.84 -3.51
CA GLY B 44 6.58 -19.34 -2.17
C GLY B 44 5.12 -19.08 -1.98
N ILE B 45 4.57 -19.52 -0.86
CA ILE B 45 3.17 -19.31 -0.54
C ILE B 45 2.94 -17.98 0.19
N LEU B 46 2.04 -17.18 -0.36
CA LEU B 46 1.72 -15.85 0.17
C LEU B 46 0.55 -15.90 1.18
N ASN B 47 0.58 -15.02 2.18
CA ASN B 47 -0.56 -14.82 3.11
C ASN B 47 -1.78 -14.12 2.50
N ASP B 55 -13.17 -7.62 3.90
CA ASP B 55 -14.20 -7.35 2.89
C ASP B 55 -13.68 -7.42 1.44
N GLY B 56 -12.38 -7.16 1.26
CA GLY B 56 -11.69 -7.27 -0.04
C GLY B 56 -11.20 -5.97 -0.67
N GLY B 57 -9.87 -5.83 -0.78
CA GLY B 57 -9.26 -4.70 -1.50
C GLY B 57 -8.58 -3.60 -0.66
N SER B 58 -8.77 -3.65 0.66
CA SER B 58 -8.29 -2.60 1.56
C SER B 58 -6.77 -2.36 1.51
N TYR B 59 -6.29 -1.38 2.26
CA TYR B 59 -4.87 -1.05 2.28
C TYR B 59 -4.07 -2.07 3.08
N ASN B 60 -4.61 -2.47 4.24
CA ASN B 60 -3.86 -3.27 5.20
C ASN B 60 -3.59 -4.69 4.74
N GLU B 61 -4.58 -5.29 4.10
CA GLU B 61 -4.36 -6.61 3.54
C GLU B 61 -3.52 -6.52 2.26
N VAL B 62 -3.80 -5.49 1.40
CA VAL B 62 -3.10 -5.32 0.08
C VAL B 62 -1.62 -4.99 0.26
N ASP B 63 -1.29 -4.33 1.37
CA ASP B 63 0.05 -3.84 1.61
C ASP B 63 0.95 -4.92 2.23
N ALA B 64 0.35 -5.75 3.08
CA ALA B 64 1.05 -6.85 3.73
C ALA B 64 1.45 -7.92 2.69
N ALA B 65 0.57 -8.12 1.72
CA ALA B 65 0.79 -9.07 0.65
C ALA B 65 2.02 -8.71 -0.19
N VAL B 66 2.19 -7.42 -0.47
CA VAL B 66 3.33 -6.91 -1.22
C VAL B 66 4.63 -7.03 -0.39
N ARG B 67 4.53 -6.82 0.92
CA ARG B 67 5.72 -6.92 1.79
C ARG B 67 6.19 -8.35 1.80
N HIS B 68 5.22 -9.27 1.93
CA HIS B 68 5.52 -10.67 2.01
C HIS B 68 6.09 -11.17 0.68
N ALA B 69 5.48 -10.76 -0.43
CA ALA B 69 5.99 -11.10 -1.74
C ALA B 69 7.44 -10.66 -1.90
N LYS B 70 7.71 -9.43 -1.46
CA LYS B 70 9.02 -8.80 -1.61
C LYS B 70 10.03 -9.54 -0.81
N GLU B 71 9.60 -10.01 0.36
CA GLU B 71 10.45 -10.72 1.30
C GLU B 71 10.76 -12.12 0.76
N MET B 72 9.76 -12.85 0.27
CA MET B 72 9.98 -14.15 -0.35
C MET B 72 10.90 -14.05 -1.57
N ARG B 73 10.75 -12.98 -2.35
CA ARG B 73 11.67 -12.70 -3.46
C ARG B 73 13.12 -12.51 -3.00
N ASP B 74 13.30 -11.89 -1.85
CA ASP B 74 14.63 -11.68 -1.33
C ASP B 74 15.23 -12.96 -0.75
N GLU B 75 14.37 -13.84 -0.22
CA GLU B 75 14.77 -15.12 0.37
C GLU B 75 15.14 -16.17 -0.66
N GLY B 76 14.62 -16.04 -1.89
CA GLY B 76 14.94 -16.99 -2.96
C GLY B 76 13.80 -17.63 -3.74
N ALA B 77 12.58 -17.11 -3.60
CA ALA B 77 11.41 -17.59 -4.35
C ALA B 77 11.49 -17.22 -5.82
N HIS B 78 11.05 -18.14 -6.67
CA HIS B 78 11.04 -18.00 -8.11
C HIS B 78 9.62 -17.82 -8.64
N ILE B 79 8.62 -18.18 -7.82
CA ILE B 79 7.21 -18.00 -8.12
C ILE B 79 6.48 -17.62 -6.84
N ILE B 80 5.48 -16.74 -6.95
CA ILE B 80 4.61 -16.42 -5.82
C ILE B 80 3.25 -17.02 -6.05
N ASP B 81 2.80 -17.89 -5.15
CA ASP B 81 1.47 -18.49 -5.26
C ASP B 81 0.45 -17.70 -4.40
N ILE B 82 -0.67 -17.29 -4.99
CA ILE B 82 -1.69 -16.48 -4.29
C ILE B 82 -3.08 -17.16 -4.22
N GLY B 83 -3.57 -17.43 -2.99
CA GLY B 83 -4.75 -18.31 -2.76
C GLY B 83 -5.92 -17.63 -2.05
N SER B 95 -17.62 -17.41 -2.02
CA SER B 95 -18.10 -17.73 -3.37
C SER B 95 -17.31 -16.98 -4.45
N VAL B 96 -17.75 -17.11 -5.70
CA VAL B 96 -17.00 -16.66 -6.89
C VAL B 96 -16.78 -15.14 -7.00
N GLU B 97 -17.77 -14.34 -6.61
CA GLU B 97 -17.64 -12.87 -6.66
C GLU B 97 -16.60 -12.37 -5.66
N GLU B 98 -16.72 -12.80 -4.40
CA GLU B 98 -15.78 -12.41 -3.33
C GLU B 98 -14.35 -12.81 -3.63
N GLU B 99 -14.16 -14.05 -4.09
CA GLU B 99 -12.82 -14.55 -4.39
C GLU B 99 -12.14 -13.66 -5.41
N ILE B 100 -12.90 -13.14 -6.37
CA ILE B 100 -12.36 -12.19 -7.35
C ILE B 100 -12.05 -10.83 -6.72
N LYS B 101 -13.04 -10.19 -6.07
CA LYS B 101 -12.86 -8.88 -5.39
C LYS B 101 -11.67 -8.92 -4.44
N ARG B 102 -11.34 -10.12 -3.98
CA ARG B 102 -10.34 -10.32 -2.94
C ARG B 102 -8.97 -10.67 -3.51
N VAL B 103 -8.93 -11.49 -4.55
CA VAL B 103 -7.65 -11.95 -5.07
C VAL B 103 -7.08 -11.05 -6.18
N VAL B 104 -7.94 -10.37 -6.93
CA VAL B 104 -7.48 -9.54 -8.05
C VAL B 104 -6.62 -8.32 -7.67
N PRO B 105 -7.04 -7.53 -6.65
CA PRO B 105 -6.21 -6.38 -6.24
C PRO B 105 -4.80 -6.83 -5.85
N MET B 106 -4.70 -8.01 -5.26
CA MET B 106 -3.41 -8.56 -4.86
C MET B 106 -2.51 -8.96 -6.02
N ILE B 107 -3.09 -9.56 -7.05
CA ILE B 107 -2.30 -9.92 -8.21
C ILE B 107 -1.79 -8.65 -8.86
N GLN B 108 -2.66 -7.66 -9.02
CA GLN B 108 -2.32 -6.37 -9.64
C GLN B 108 -1.15 -5.64 -8.98
N ALA B 109 -1.19 -5.56 -7.65
CA ALA B 109 -0.16 -4.92 -6.86
C ALA B 109 1.15 -5.72 -6.88
N VAL B 110 1.04 -7.04 -6.68
CA VAL B 110 2.21 -7.91 -6.60
C VAL B 110 2.94 -8.02 -7.94
N SER B 111 2.18 -8.09 -9.04
CA SER B 111 2.78 -8.17 -10.36
C SER B 111 3.47 -6.86 -10.72
N LYS B 112 2.85 -5.73 -10.36
CA LYS B 112 3.43 -4.40 -10.60
C LYS B 112 4.67 -4.23 -9.79
N GLU B 113 4.61 -4.59 -8.52
CA GLU B 113 5.67 -4.25 -7.60
C GLU B 113 6.80 -5.28 -7.44
N VAL B 114 6.52 -6.55 -7.75
CA VAL B 114 7.50 -7.64 -7.59
C VAL B 114 7.73 -8.39 -8.93
N LYS B 115 8.96 -8.34 -9.42
CA LYS B 115 9.31 -8.94 -10.71
C LYS B 115 9.58 -10.44 -10.58
N LEU B 116 8.50 -11.23 -10.59
CA LEU B 116 8.51 -12.69 -10.39
C LEU B 116 7.19 -13.20 -10.97
N PRO B 117 7.20 -14.39 -11.58
CA PRO B 117 5.93 -14.88 -12.07
C PRO B 117 4.99 -15.26 -10.92
N ILE B 118 3.70 -15.21 -11.20
CA ILE B 118 2.67 -15.37 -10.17
C ILE B 118 1.69 -16.44 -10.59
N SER B 119 1.32 -17.31 -9.67
CA SER B 119 0.27 -18.28 -9.95
C SER B 119 -0.93 -18.02 -9.09
N ILE B 120 -2.10 -18.19 -9.69
CA ILE B 120 -3.37 -18.07 -9.02
C ILE B 120 -3.84 -19.45 -8.57
N ASP B 121 -3.91 -19.63 -7.25
CA ASP B 121 -4.29 -20.90 -6.64
C ASP B 121 -5.80 -20.97 -6.65
N THR B 122 -6.37 -21.41 -7.78
CA THR B 122 -7.82 -21.58 -7.87
C THR B 122 -8.20 -22.83 -8.63
N TYR B 123 -9.47 -23.24 -8.52
CA TYR B 123 -9.98 -24.38 -9.28
C TYR B 123 -11.18 -23.97 -10.15
N LYS B 124 -11.52 -22.69 -10.04
CA LYS B 124 -12.68 -22.12 -10.70
C LYS B 124 -12.25 -21.36 -11.95
N ALA B 125 -13.00 -21.58 -13.03
CA ALA B 125 -12.73 -20.99 -14.34
C ALA B 125 -12.70 -19.46 -14.30
N GLU B 126 -13.67 -18.86 -13.64
CA GLU B 126 -13.82 -17.40 -13.65
C GLU B 126 -12.71 -16.66 -12.89
N VAL B 127 -12.34 -17.21 -11.72
CA VAL B 127 -11.26 -16.64 -10.90
C VAL B 127 -9.95 -16.65 -11.68
N ALA B 128 -9.70 -17.76 -12.38
CA ALA B 128 -8.48 -17.92 -13.18
C ALA B 128 -8.43 -16.91 -14.32
N LYS B 129 -9.57 -16.69 -14.99
CA LYS B 129 -9.65 -15.69 -16.05
C LYS B 129 -9.22 -14.32 -15.52
N GLN B 130 -9.97 -13.79 -14.54
CA GLN B 130 -9.71 -12.45 -13.96
C GLN B 130 -8.27 -12.30 -13.49
N ALA B 131 -7.75 -13.36 -12.88
CA ALA B 131 -6.43 -13.37 -12.27
C ALA B 131 -5.32 -13.21 -13.31
N ILE B 132 -5.48 -13.87 -14.45
CA ILE B 132 -4.54 -13.77 -15.58
C ILE B 132 -4.59 -12.38 -16.20
N GLU B 133 -5.81 -11.84 -16.35
CA GLU B 133 -6.05 -10.47 -16.76
C GLU B 133 -5.49 -9.42 -15.78
N ALA B 134 -5.60 -9.69 -14.48
CA ALA B 134 -4.95 -8.87 -13.45
C ALA B 134 -3.41 -8.97 -13.53
N GLY B 135 -2.90 -10.03 -14.17
CA GLY B 135 -1.46 -10.17 -14.39
C GLY B 135 -0.82 -11.43 -13.84
N ALA B 136 -1.61 -12.46 -13.54
CA ALA B 136 -1.08 -13.74 -13.12
C ALA B 136 -0.64 -14.56 -14.33
N HIS B 137 0.40 -15.39 -14.12
CA HIS B 137 1.10 -16.08 -15.19
C HIS B 137 0.85 -17.59 -15.33
N ILE B 138 0.33 -18.19 -14.25
CA ILE B 138 0.27 -19.64 -14.09
C ILE B 138 -1.01 -20.02 -13.36
N ILE B 139 -1.72 -21.04 -13.84
CA ILE B 139 -2.88 -21.54 -13.09
C ILE B 139 -2.47 -22.70 -12.20
N ASN B 140 -2.87 -22.66 -10.94
CA ASN B 140 -2.54 -23.71 -10.02
C ASN B 140 -3.80 -24.42 -9.49
N ASP B 141 -4.18 -25.51 -10.14
CA ASP B 141 -5.48 -26.12 -9.88
C ASP B 141 -5.43 -27.34 -8.96
N ILE B 142 -5.95 -27.17 -7.74
CA ILE B 142 -6.02 -28.29 -6.76
C ILE B 142 -7.03 -29.40 -7.10
N TRP B 143 -7.79 -29.24 -8.19
CA TRP B 143 -8.71 -30.32 -8.59
C TRP B 143 -8.34 -30.96 -9.91
N GLY B 144 -7.32 -30.40 -10.56
CA GLY B 144 -6.77 -30.98 -11.78
C GLY B 144 -7.68 -30.83 -12.99
N ALA B 145 -8.46 -29.75 -13.02
CA ALA B 145 -9.48 -29.50 -14.04
C ALA B 145 -10.68 -30.44 -13.94
N LYS B 146 -10.90 -31.02 -12.76
CA LYS B 146 -12.01 -31.92 -12.58
C LYS B 146 -13.22 -31.21 -11.96
N ALA B 147 -12.93 -30.13 -11.23
CA ALA B 147 -13.97 -29.34 -10.59
C ALA B 147 -14.69 -28.51 -11.61
N GLU B 148 -13.93 -27.73 -12.39
CA GLU B 148 -14.49 -26.88 -13.42
C GLU B 148 -13.74 -27.04 -14.74
N PRO B 149 -14.15 -28.04 -15.54
CA PRO B 149 -13.47 -28.37 -16.80
C PRO B 149 -13.07 -27.13 -17.62
N LYS B 150 -13.93 -26.11 -17.62
CA LYS B 150 -13.70 -24.87 -18.39
C LYS B 150 -12.42 -24.10 -18.03
N ILE B 151 -11.80 -24.46 -16.91
CA ILE B 151 -10.51 -23.88 -16.50
C ILE B 151 -9.40 -24.24 -17.49
N ALA B 152 -9.46 -25.45 -18.04
CA ALA B 152 -8.54 -25.90 -19.05
C ALA B 152 -8.65 -25.02 -20.29
N GLU B 153 -9.87 -24.67 -20.66
CA GLU B 153 -10.13 -23.73 -21.74
C GLU B 153 -9.49 -22.38 -21.48
N VAL B 154 -9.50 -21.91 -20.23
CA VAL B 154 -8.84 -20.65 -19.89
C VAL B 154 -7.34 -20.74 -20.11
N ALA B 155 -6.72 -21.82 -19.63
CA ALA B 155 -5.29 -22.06 -19.77
C ALA B 155 -4.89 -22.08 -21.24
N ALA B 156 -5.69 -22.76 -22.05
CA ALA B 156 -5.42 -22.90 -23.48
C ALA B 156 -5.47 -21.55 -24.15
N HIS B 157 -6.43 -20.74 -23.73
CA HIS B 157 -6.67 -19.45 -24.37
C HIS B 157 -5.55 -18.47 -24.08
N TYR B 158 -5.16 -18.34 -22.81
CA TYR B 158 -4.12 -17.40 -22.44
C TYR B 158 -2.73 -17.99 -22.61
N ASP B 159 -2.68 -19.23 -23.09
CA ASP B 159 -1.44 -19.93 -23.34
C ASP B 159 -0.51 -19.98 -22.12
N VAL B 160 -1.10 -20.14 -20.94
CA VAL B 160 -0.37 -20.18 -19.67
C VAL B 160 -0.14 -21.61 -19.15
N PRO B 161 0.90 -21.79 -18.32
CA PRO B 161 1.15 -23.09 -17.69
C PRO B 161 0.10 -23.40 -16.65
N ILE B 162 -0.41 -24.63 -16.64
CA ILE B 162 -1.35 -25.07 -15.62
C ILE B 162 -0.76 -26.21 -14.80
N ILE B 163 -0.89 -26.11 -13.48
CA ILE B 163 -0.57 -27.18 -12.54
C ILE B 163 -1.81 -28.00 -12.23
N LEU B 164 -1.75 -29.31 -12.46
CA LEU B 164 -2.86 -30.20 -12.20
C LEU B 164 -2.56 -31.09 -11.01
N MET B 165 -3.09 -30.76 -9.84
CA MET B 165 -2.86 -31.59 -8.65
C MET B 165 -3.73 -32.83 -8.65
N HIS B 166 -3.20 -33.93 -8.10
CA HIS B 166 -4.04 -35.09 -7.83
C HIS B 166 -5.02 -34.82 -6.70
N ASN B 167 -6.27 -35.24 -6.88
CA ASN B 167 -7.31 -35.08 -5.86
C ASN B 167 -8.48 -36.01 -6.19
N ARG B 168 -9.26 -36.38 -5.15
CA ARG B 168 -10.49 -37.18 -5.29
C ARG B 168 -11.31 -37.10 -4.01
N ASP B 169 -12.57 -37.55 -4.04
CA ASP B 169 -13.48 -37.41 -2.89
C ASP B 169 -13.47 -38.61 -1.93
N ASN B 170 -12.66 -39.61 -2.21
CA ASN B 170 -12.57 -40.81 -1.38
C ASN B 170 -11.11 -41.15 -1.16
N MET B 171 -10.81 -41.98 -0.18
CA MET B 171 -9.45 -42.48 0.02
C MET B 171 -9.38 -43.99 -0.21
N ASN B 172 -10.19 -44.49 -1.13
CA ASN B 172 -10.22 -45.91 -1.44
C ASN B 172 -9.31 -46.25 -2.64
N TYR B 173 -8.09 -46.65 -2.33
CA TYR B 173 -7.11 -46.97 -3.36
C TYR B 173 -6.89 -48.46 -3.49
N ARG B 174 -7.02 -48.95 -4.72
CA ARG B 174 -6.70 -50.33 -5.06
C ARG B 174 -5.18 -50.55 -5.00
N ASN B 175 -4.44 -49.58 -5.53
CA ASN B 175 -2.99 -49.53 -5.50
C ASN B 175 -2.64 -48.04 -5.65
N LEU B 176 -2.12 -47.44 -4.58
CA LEU B 176 -2.05 -45.99 -4.46
C LEU B 176 -1.44 -45.30 -5.67
N MET B 177 -0.24 -45.68 -6.03
CA MET B 177 0.51 -44.99 -7.09
C MET B 177 -0.08 -45.15 -8.48
N ALA B 178 -0.46 -46.39 -8.78
CA ALA B 178 -1.10 -46.71 -10.02
C ALA B 178 -2.39 -45.94 -10.13
N ASP B 179 -3.10 -45.80 -9.03
CA ASP B 179 -4.34 -45.04 -9.02
C ASP B 179 -4.15 -43.53 -9.20
N MET B 180 -3.17 -42.96 -8.49
CA MET B 180 -2.80 -41.55 -8.64
C MET B 180 -2.42 -41.21 -10.10
N ILE B 181 -1.63 -42.08 -10.72
CA ILE B 181 -1.21 -41.88 -12.12
C ILE B 181 -2.42 -41.95 -13.07
N ALA B 182 -3.28 -42.94 -12.86
CA ALA B 182 -4.57 -42.97 -13.54
C ALA B 182 -5.32 -41.62 -13.38
N ASP B 183 -5.48 -41.17 -12.14
CA ASP B 183 -6.25 -39.96 -11.89
C ASP B 183 -5.62 -38.75 -12.54
N LEU B 184 -4.30 -38.71 -12.53
CA LEU B 184 -3.57 -37.62 -13.15
C LEU B 184 -3.72 -37.58 -14.68
N TYR B 185 -3.79 -38.75 -15.32
CA TYR B 185 -4.06 -38.82 -16.76
C TYR B 185 -5.38 -38.26 -17.14
N ASP B 186 -6.42 -38.60 -16.39
CA ASP B 186 -7.74 -38.00 -16.59
C ASP B 186 -7.60 -36.47 -16.64
N SER B 187 -6.87 -35.91 -15.67
CA SER B 187 -6.61 -34.47 -15.67
C SER B 187 -5.92 -34.00 -16.96
N ILE B 188 -4.95 -34.78 -17.45
CA ILE B 188 -4.23 -34.39 -18.65
C ILE B 188 -5.14 -34.44 -19.90
N LYS B 189 -5.87 -35.54 -20.08
CA LYS B 189 -6.83 -35.65 -21.18
C LYS B 189 -7.75 -34.42 -21.21
N ILE B 190 -8.25 -34.01 -20.04
CA ILE B 190 -9.12 -32.85 -19.93
C ILE B 190 -8.43 -31.57 -20.43
N ALA B 191 -7.19 -31.34 -20.00
CA ALA B 191 -6.41 -30.19 -20.47
C ALA B 191 -6.14 -30.20 -21.98
N LYS B 192 -5.66 -31.32 -22.51
CA LYS B 192 -5.30 -31.41 -23.94
C LYS B 192 -6.52 -31.33 -24.84
N ASP B 193 -7.58 -32.05 -24.46
CA ASP B 193 -8.89 -31.99 -25.12
C ASP B 193 -9.42 -30.54 -25.14
N ALA B 194 -9.09 -29.78 -24.10
CA ALA B 194 -9.44 -28.37 -24.06
C ALA B 194 -8.43 -27.47 -24.80
N GLY B 195 -7.33 -28.03 -25.28
CA GLY B 195 -6.37 -27.23 -26.09
C GLY B 195 -5.06 -26.80 -25.46
N VAL B 196 -4.81 -27.21 -24.20
CA VAL B 196 -3.52 -27.00 -23.51
C VAL B 196 -2.37 -27.76 -24.15
N ARG B 197 -1.35 -27.03 -24.60
CA ARG B 197 -0.10 -27.61 -25.13
C ARG B 197 0.67 -28.38 -24.05
N ASP B 198 1.31 -29.47 -24.43
CA ASP B 198 2.03 -30.34 -23.47
C ASP B 198 2.99 -29.57 -22.56
N GLU B 199 3.72 -28.65 -23.18
CA GLU B 199 4.74 -27.83 -22.53
C GLU B 199 4.13 -26.92 -21.45
N ASN B 200 2.81 -26.88 -21.36
CA ASN B 200 2.12 -26.06 -20.37
C ASN B 200 1.43 -26.87 -19.27
N ILE B 201 1.88 -28.10 -19.09
CA ILE B 201 1.31 -28.97 -18.09
C ILE B 201 2.38 -29.27 -17.04
N ILE B 202 1.98 -29.11 -15.78
CA ILE B 202 2.79 -29.48 -14.63
C ILE B 202 1.93 -30.35 -13.71
N LEU B 203 2.55 -31.33 -13.06
CA LEU B 203 1.80 -32.31 -12.30
C LEU B 203 2.14 -32.21 -10.81
N ASP B 204 1.17 -32.56 -9.96
CA ASP B 204 1.34 -32.45 -8.51
C ASP B 204 0.66 -33.65 -7.91
N PRO B 205 1.40 -34.45 -7.12
CA PRO B 205 0.91 -35.66 -6.41
C PRO B 205 -0.16 -35.37 -5.35
N GLY B 206 -0.29 -34.12 -4.93
CA GLY B 206 -1.37 -33.75 -4.02
C GLY B 206 -1.27 -34.40 -2.67
N ILE B 207 -0.07 -34.34 -2.07
CA ILE B 207 0.18 -34.80 -0.71
C ILE B 207 -0.69 -34.09 0.34
N GLY B 208 -1.36 -34.86 1.20
CA GLY B 208 -2.29 -34.32 2.17
C GLY B 208 -3.63 -34.01 1.53
N PHE B 209 -3.93 -34.68 0.42
CA PHE B 209 -5.26 -34.62 -0.16
C PHE B 209 -5.67 -36.02 -0.47
N ALA B 210 -6.88 -36.37 -0.02
CA ALA B 210 -7.46 -37.67 -0.26
C ALA B 210 -6.49 -38.80 0.07
N LYS B 211 -5.61 -38.57 1.06
CA LYS B 211 -4.66 -39.61 1.52
C LYS B 211 -4.65 -39.77 3.04
N THR B 212 -4.60 -41.01 3.52
CA THR B 212 -4.38 -41.25 4.95
C THR B 212 -2.93 -40.87 5.29
N PRO B 213 -2.62 -40.56 6.57
CA PRO B 213 -1.23 -40.28 6.95
C PRO B 213 -0.22 -41.22 6.28
N GLU B 214 -0.42 -42.53 6.44
CA GLU B 214 0.46 -43.55 5.88
C GLU B 214 0.48 -43.57 4.33
N GLN B 215 -0.64 -43.23 3.70
CA GLN B 215 -0.63 -43.14 2.24
C GLN B 215 0.23 -41.97 1.78
N ASN B 216 0.18 -40.85 2.50
CA ASN B 216 1.11 -39.75 2.28
C ASN B 216 2.60 -40.18 2.34
N LEU B 217 2.99 -40.96 3.35
CA LEU B 217 4.36 -41.49 3.41
C LEU B 217 4.67 -42.37 2.20
N GLU B 218 3.67 -43.11 1.73
CA GLU B 218 3.84 -44.04 0.60
C GLU B 218 4.05 -43.29 -0.73
N ALA B 219 3.29 -42.21 -0.94
CA ALA B 219 3.49 -41.43 -2.15
C ALA B 219 4.88 -40.82 -2.16
N MET B 220 5.27 -40.17 -1.05
CA MET B 220 6.66 -39.70 -0.88
C MET B 220 7.70 -40.78 -1.19
N ARG B 221 7.50 -41.97 -0.65
CA ARG B 221 8.42 -43.09 -0.89
C ARG B 221 8.55 -43.43 -2.39
N ASN B 222 7.46 -43.20 -3.14
CA ASN B 222 7.36 -43.67 -4.52
C ASN B 222 7.20 -42.55 -5.58
N LEU B 223 7.57 -41.33 -5.22
CA LEU B 223 7.33 -40.18 -6.07
C LEU B 223 7.91 -40.24 -7.48
N GLU B 224 9.08 -40.85 -7.63
CA GLU B 224 9.73 -41.01 -8.94
C GLU B 224 8.87 -41.74 -9.97
N GLN B 225 7.86 -42.46 -9.50
CA GLN B 225 6.96 -43.12 -10.45
C GLN B 225 6.21 -42.09 -11.30
N LEU B 226 6.01 -40.89 -10.78
CA LEU B 226 5.30 -39.88 -11.52
C LEU B 226 6.09 -39.42 -12.74
N ASN B 227 7.38 -39.71 -12.75
CA ASN B 227 8.21 -39.21 -13.83
C ASN B 227 7.93 -39.87 -15.16
N VAL B 228 7.38 -41.10 -15.14
CA VAL B 228 7.07 -41.77 -16.39
C VAL B 228 6.11 -40.98 -17.30
N LEU B 229 5.29 -40.11 -16.74
CA LEU B 229 4.26 -39.40 -17.51
C LEU B 229 4.84 -38.31 -18.42
N GLY B 230 6.07 -37.91 -18.13
CA GLY B 230 6.86 -37.03 -19.00
C GLY B 230 6.63 -35.55 -18.78
N TYR B 231 6.05 -35.17 -17.64
CA TYR B 231 5.80 -33.77 -17.31
C TYR B 231 6.51 -33.35 -16.04
N PRO B 232 6.85 -32.07 -15.95
CA PRO B 232 7.40 -31.58 -14.70
C PRO B 232 6.45 -31.81 -13.52
N VAL B 233 7.07 -32.04 -12.36
CA VAL B 233 6.35 -32.34 -11.12
C VAL B 233 6.55 -31.23 -10.11
N LEU B 234 5.46 -30.80 -9.48
CA LEU B 234 5.53 -29.84 -8.38
C LEU B 234 5.15 -30.58 -7.12
N LEU B 235 5.85 -30.29 -6.04
CA LEU B 235 5.58 -30.94 -4.75
C LEU B 235 5.17 -29.93 -3.69
N GLY B 236 4.05 -30.22 -3.03
CA GLY B 236 3.54 -29.34 -1.98
C GLY B 236 3.33 -30.11 -0.69
N THR B 237 4.24 -29.91 0.25
CA THR B 237 4.19 -30.70 1.47
C THR B 237 4.40 -29.85 2.72
N SER B 238 4.62 -28.56 2.48
CA SER B 238 4.97 -27.58 3.52
C SER B 238 4.02 -27.57 4.69
N ARG B 239 4.57 -27.93 5.85
CA ARG B 239 3.88 -27.91 7.16
C ARG B 239 2.63 -28.76 7.25
N LYS B 240 2.47 -29.73 6.35
CA LYS B 240 1.25 -30.51 6.25
C LYS B 240 1.02 -31.41 7.46
N SER B 241 -0.25 -31.75 7.67
CA SER B 241 -0.66 -32.63 8.75
C SER B 241 0.26 -33.86 8.96
N PHE B 242 0.63 -34.54 7.88
CA PHE B 242 1.35 -35.82 8.02
C PHE B 242 2.73 -35.70 8.63
N ILE B 243 3.33 -34.52 8.49
CA ILE B 243 4.58 -34.23 9.15
C ILE B 243 4.35 -34.20 10.65
N GLY B 244 3.28 -33.51 11.06
CA GLY B 244 2.80 -33.53 12.44
C GLY B 244 2.54 -34.95 12.95
N HIS B 245 1.99 -35.81 12.10
CA HIS B 245 1.68 -37.18 12.51
C HIS B 245 2.91 -37.97 12.90
N VAL B 246 3.98 -37.80 12.12
CA VAL B 246 5.22 -38.54 12.30
C VAL B 246 6.02 -37.96 13.47
N LEU B 247 6.21 -36.63 13.44
CA LEU B 247 7.04 -35.94 14.43
C LEU B 247 6.32 -35.59 15.74
N ASP B 248 4.99 -35.71 15.74
CA ASP B 248 4.13 -35.24 16.84
C ASP B 248 4.41 -33.78 17.22
N LEU B 249 4.35 -32.92 16.21
CA LEU B 249 4.66 -31.51 16.38
C LEU B 249 3.60 -30.61 15.72
N PRO B 250 3.27 -29.48 16.37
CA PRO B 250 2.28 -28.55 15.85
C PRO B 250 2.79 -27.81 14.62
N VAL B 251 1.89 -27.11 13.92
CA VAL B 251 2.17 -26.47 12.63
C VAL B 251 3.45 -25.61 12.56
N GLU B 252 3.70 -24.78 13.57
CA GLU B 252 4.86 -23.89 13.53
C GLU B 252 6.17 -24.61 13.88
N GLU B 253 6.08 -25.92 14.08
CA GLU B 253 7.24 -26.73 14.48
C GLU B 253 7.61 -27.80 13.44
N ARG B 254 7.30 -27.54 12.17
CA ARG B 254 7.44 -28.56 11.13
C ARG B 254 8.48 -28.18 10.08
N LEU B 255 9.36 -27.26 10.45
CA LEU B 255 10.42 -26.82 9.54
C LEU B 255 11.39 -27.95 9.11
N GLU B 256 11.93 -28.70 10.07
CA GLU B 256 12.84 -29.79 9.78
C GLU B 256 12.12 -30.90 9.05
N GLY B 257 10.87 -31.13 9.42
CA GLY B 257 10.05 -32.13 8.76
C GLY B 257 9.82 -31.78 7.31
N THR B 258 9.42 -30.52 7.05
CA THR B 258 9.19 -30.02 5.69
C THR B 258 10.46 -30.23 4.87
N GLY B 259 11.58 -29.83 5.46
CA GLY B 259 12.88 -29.98 4.85
C GLY B 259 13.13 -31.38 4.36
N ALA B 260 12.83 -32.38 5.18
CA ALA B 260 13.11 -33.74 4.80
C ALA B 260 12.28 -34.11 3.59
N THR B 261 11.03 -33.66 3.54
CA THR B 261 10.15 -34.01 2.42
C THR B 261 10.69 -33.34 1.15
N VAL B 262 11.15 -32.10 1.30
CA VAL B 262 11.69 -31.35 0.18
C VAL B 262 12.93 -32.02 -0.37
N CYS B 263 13.80 -32.51 0.54
CA CYS B 263 15.03 -33.16 0.10
C CYS B 263 14.74 -34.45 -0.62
N LEU B 264 13.79 -35.22 -0.09
CA LEU B 264 13.44 -36.50 -0.70
C LEU B 264 12.79 -36.25 -2.04
N GLY B 265 11.90 -35.26 -2.08
CA GLY B 265 11.17 -34.91 -3.32
C GLY B 265 12.12 -34.51 -4.42
N ILE B 266 13.15 -33.75 -4.09
CA ILE B 266 14.07 -33.29 -5.12
C ILE B 266 14.88 -34.48 -5.60
N GLU B 267 15.34 -35.29 -4.65
CA GLU B 267 16.14 -36.46 -5.01
C GLU B 267 15.34 -37.48 -5.83
N LYS B 268 14.03 -37.35 -5.83
CA LYS B 268 13.19 -38.15 -6.69
C LYS B 268 12.76 -37.42 -7.98
N GLY B 269 13.32 -36.23 -8.23
CA GLY B 269 13.19 -35.54 -9.53
C GLY B 269 12.11 -34.49 -9.66
N CYS B 270 11.76 -33.85 -8.55
CA CYS B 270 10.79 -32.78 -8.59
C CYS B 270 11.43 -31.54 -9.21
N GLU B 271 10.64 -30.78 -9.95
CA GLU B 271 11.16 -29.55 -10.56
C GLU B 271 10.80 -28.28 -9.74
N PHE B 272 9.67 -28.31 -9.02
CA PHE B 272 9.25 -27.21 -8.14
C PHE B 272 8.90 -27.78 -6.77
N VAL B 273 9.04 -26.95 -5.72
CA VAL B 273 8.48 -27.23 -4.39
C VAL B 273 7.75 -26.01 -3.87
N ARG B 274 6.56 -26.23 -3.32
CA ARG B 274 5.70 -25.14 -2.86
C ARG B 274 5.85 -25.07 -1.35
N VAL B 275 6.51 -24.02 -0.86
CA VAL B 275 6.90 -23.92 0.55
C VAL B 275 6.44 -22.60 1.21
N HIS B 276 6.41 -22.60 2.55
CA HIS B 276 6.11 -21.40 3.33
C HIS B 276 7.42 -20.73 3.75
N ASP B 277 8.43 -21.55 4.08
CA ASP B 277 9.70 -21.06 4.61
C ASP B 277 10.71 -20.99 3.48
N VAL B 278 10.63 -19.91 2.71
CA VAL B 278 11.43 -19.80 1.52
C VAL B 278 12.93 -19.81 1.84
N LYS B 279 13.39 -18.94 2.73
CA LYS B 279 14.83 -18.87 3.03
C LYS B 279 15.43 -20.27 3.28
N GLU B 280 14.85 -21.00 4.23
CA GLU B 280 15.37 -22.29 4.67
C GLU B 280 15.31 -23.37 3.58
N MET B 281 14.16 -23.48 2.90
CA MET B 281 14.00 -24.47 1.83
C MET B 281 14.84 -24.15 0.60
N SER B 282 15.11 -22.87 0.38
CA SER B 282 15.96 -22.45 -0.73
C SER B 282 17.37 -22.95 -0.59
N ARG B 283 17.92 -22.91 0.62
CA ARG B 283 19.28 -23.36 0.89
C ARG B 283 19.32 -24.85 0.81
N MET B 284 18.23 -25.50 1.23
CA MET B 284 18.20 -26.93 1.25
C MET B 284 18.15 -27.44 -0.17
N ALA B 285 17.23 -26.85 -0.95
CA ALA B 285 17.12 -27.09 -2.38
C ALA B 285 18.48 -26.88 -3.05
N LYS B 286 19.12 -25.77 -2.74
CA LYS B 286 20.37 -25.46 -3.38
C LYS B 286 21.42 -26.53 -3.11
N MET B 287 21.52 -26.99 -1.87
CA MET B 287 22.54 -27.98 -1.51
C MET B 287 22.20 -29.38 -2.05
N MET B 288 20.89 -29.69 -2.18
CA MET B 288 20.46 -30.92 -2.86
C MET B 288 20.88 -30.94 -4.32
N ASP B 289 20.53 -29.87 -5.04
CA ASP B 289 20.89 -29.70 -6.46
C ASP B 289 22.39 -29.95 -6.69
N ALA B 290 23.24 -29.46 -5.79
CA ALA B 290 24.67 -29.59 -5.96
C ALA B 290 25.07 -31.04 -5.81
N MET B 291 24.40 -31.78 -4.93
CA MET B 291 24.77 -33.18 -4.70
C MET B 291 24.27 -34.12 -5.79
N ILE B 292 23.01 -33.98 -6.19
CA ILE B 292 22.46 -34.78 -7.29
C ILE B 292 22.96 -34.27 -8.67
N GLY B 293 23.70 -33.15 -8.68
CA GLY B 293 24.31 -32.64 -9.90
C GLY B 293 23.32 -32.00 -10.87
N LYS B 294 22.24 -31.42 -10.33
CA LYS B 294 21.29 -30.61 -11.12
C LYS B 294 21.78 -29.15 -11.33
O3 Z25 C . -4.40 24.71 -1.70
C9 Z25 C . -5.61 24.51 -2.04
O4 Z25 C . -6.08 25.17 -3.04
C8 Z25 C . -6.59 23.84 -1.09
C7 Z25 C . -7.43 24.77 -0.25
C5 Z25 C . -6.94 25.10 1.14
C6 Z25 C . -6.13 26.24 1.46
O2 Z25 C . -5.77 27.12 0.46
C3 Z25 C . -5.68 26.39 2.83
C4 Z25 C . -4.87 27.44 3.29
O1 Z25 C . -4.50 28.43 2.41
N4 Z25 C . -7.21 24.25 2.13
N3 Z25 C . -6.78 24.37 3.40
C2 Z25 C . -6.01 25.39 3.78
N2 Z25 C . -5.60 25.49 5.09
C1 Z25 C . -4.87 26.56 5.48
N5 Z25 C . -4.46 26.62 6.84
N1 Z25 C . -4.45 27.50 4.59
S SO4 D . 1.88 17.83 -8.50
O1 SO4 D . 1.68 18.28 -7.12
O2 SO4 D . 1.71 16.38 -8.54
O3 SO4 D . 0.86 18.45 -9.36
O4 SO4 D . 3.23 18.17 -8.97
S SO4 E . 10.92 4.69 3.50
O1 SO4 E . 9.74 4.92 4.33
O2 SO4 E . 11.39 3.33 3.75
O3 SO4 E . 10.59 4.86 2.08
O4 SO4 E . 12.00 5.61 3.87
S SO4 F . -7.94 29.35 -11.51
O1 SO4 F . -9.18 28.56 -11.63
O2 SO4 F . -7.20 29.37 -12.76
O3 SO4 F . -8.31 30.72 -11.16
O4 SO4 F . -7.10 28.74 -10.47
S SO4 G . 18.49 19.66 -2.38
O1 SO4 G . 18.20 18.84 -1.19
O2 SO4 G . 18.51 18.83 -3.58
O3 SO4 G . 17.42 20.66 -2.53
O4 SO4 G . 19.77 20.35 -2.18
O3 Z25 H . -0.34 -25.46 2.33
C9 Z25 H . -1.56 -25.07 2.13
O4 Z25 H . -1.85 -23.83 2.00
C8 Z25 H . -2.66 -26.10 2.03
C7 Z25 H . -3.54 -26.14 0.81
C5 Z25 H . -2.93 -26.22 -0.59
C6 Z25 H . -2.03 -27.23 -1.01
O2 Z25 H . -1.57 -28.17 -0.12
C3 Z25 H . -1.60 -27.24 -2.38
C4 Z25 H . -0.68 -28.18 -2.91
O1 Z25 H . -0.17 -29.19 -2.10
N4 Z25 H . -3.36 -25.35 -1.51
N3 Z25 H . -2.94 -25.33 -2.78
C2 Z25 H . -2.08 -26.24 -3.26
N2 Z25 H . -1.68 -26.23 -4.57
C1 Z25 H . -0.81 -27.15 -5.02
N5 Z25 H . -0.44 -27.16 -6.39
N1 Z25 H . -0.29 -28.09 -4.21
S SO4 I . 11.62 -3.09 -3.51
O1 SO4 I . 11.05 -3.19 -2.15
O2 SO4 I . 12.79 -3.96 -3.67
O3 SO4 I . 10.58 -3.41 -4.50
O4 SO4 I . 12.06 -1.71 -3.69
S SO4 J . 5.99 -49.31 -0.51
O1 SO4 J . 5.07 -49.55 -1.62
O2 SO4 J . 5.52 -48.12 0.20
O3 SO4 J . 5.98 -50.47 0.39
O4 SO4 J . 7.35 -49.09 -1.01
S SO4 K . -2.79 -30.32 11.73
O1 SO4 K . -3.23 -29.84 10.41
O2 SO4 K . -2.53 -29.14 12.54
O3 SO4 K . -3.81 -31.20 12.33
O4 SO4 K . -1.56 -31.09 11.62
S SO4 L . 21.23 -16.66 2.10
O1 SO4 L . 21.03 -15.98 0.82
O2 SO4 L . 21.31 -15.71 3.21
O3 SO4 L . 20.08 -17.56 2.33
O4 SO4 L . 22.48 -17.42 1.99
S SO4 M . 4.94 -17.53 8.52
O1 SO4 M . 4.53 -16.89 7.27
O2 SO4 M . 4.83 -16.58 9.62
O3 SO4 M . 4.07 -18.67 8.79
O4 SO4 M . 6.34 -17.96 8.41
#